data_9LKM
#
_entry.id   9LKM
#
_cell.length_a   1.00
_cell.length_b   1.00
_cell.length_c   1.00
_cell.angle_alpha   90.00
_cell.angle_beta   90.00
_cell.angle_gamma   90.00
#
_symmetry.space_group_name_H-M   'P 1'
#
loop_
_entity.id
_entity.type
_entity.pdbx_description
1 polymer 'C1q-related factor'
2 polymer 'Adhesion G protein-coupled receptor B3'
3 non-polymer 'CALCIUM ION'
#
loop_
_entity_poly.entity_id
_entity_poly.type
_entity_poly.pdbx_seq_one_letter_code
_entity_poly.pdbx_strand_id
1 'polypeptide(L)'
;GPGSEFTTVPRVAFYAGLKNPHEGYEVLKFDDVVTNLGNNYDAASGKFTCNIPGTYFFTYHVLMRGGDGTSMWADLCKNG
QVRASAIAQDADQNYDYASNSVILHLDAGDEVFIKLDGGKAHGGNSNKYSTFSGFIIYSD
;
A,B,C,H
2 'polypeptide(L)'
;AGSAQDFWCSTLVKGVIYGSYSVSEMFPKNFTNCTWTLENPDPTKYSIYLKFSKKDLSCSNFSLLAYQFDHFSHEKIKDL
LRKNHSIMQLCNSKNAFVFLQYDKNFIQIRRVFPTNFPGLQKKGEEDQKSFFEFLVLNKVSPSQFGCHVLCTWLESCLKS
ENGRTESCGIMYTKCTCPQHLGEWGIDDQSLILLNNVVLPLNEQTEGCLTQELQTTQVCNLTREAKRPPKEEENLYFQ
;
D
#
loop_
_chem_comp.id
_chem_comp.type
_chem_comp.name
_chem_comp.formula
CA non-polymer 'CALCIUM ION' 'Ca 2'
#
# COMPACT_ATOMS: atom_id res chain seq x y z
N VAL A 9 10.91 -25.68 -21.88
CA VAL A 9 11.18 -27.05 -21.46
C VAL A 9 11.72 -27.12 -20.02
N PRO A 10 12.81 -26.40 -19.69
CA PRO A 10 13.28 -26.40 -18.31
C PRO A 10 12.21 -25.88 -17.35
N ARG A 11 12.14 -26.56 -16.19
CA ARG A 11 11.18 -26.18 -15.14
C ARG A 11 11.95 -26.11 -13.82
N VAL A 12 12.25 -24.91 -13.35
CA VAL A 12 13.01 -24.71 -12.12
C VAL A 12 12.32 -23.64 -11.27
N ALA A 13 12.08 -23.96 -10.01
CA ALA A 13 11.50 -23.02 -9.06
C ALA A 13 11.91 -23.45 -7.66
N PHE A 14 12.07 -22.46 -6.77
CA PHE A 14 12.51 -22.76 -5.41
C PHE A 14 12.01 -21.68 -4.46
N TYR A 15 11.86 -22.06 -3.20
CA TYR A 15 11.39 -21.14 -2.16
C TYR A 15 11.85 -21.66 -0.81
N ALA A 16 12.71 -20.91 -0.13
CA ALA A 16 13.29 -21.34 1.14
C ALA A 16 13.11 -20.24 2.18
N GLY A 17 12.49 -20.59 3.30
CA GLY A 17 12.44 -19.70 4.44
C GLY A 17 13.60 -19.89 5.39
N LEU A 18 13.91 -18.83 6.13
CA LEU A 18 15.07 -18.82 7.01
C LEU A 18 14.73 -19.51 8.33
N LYS A 19 15.70 -20.26 8.85
CA LYS A 19 15.51 -21.03 10.07
C LYS A 19 16.28 -20.48 11.26
N ASN A 20 17.53 -20.08 11.07
CA ASN A 20 18.36 -19.62 12.17
C ASN A 20 18.91 -18.23 11.90
N PRO A 21 19.06 -17.41 12.95
CA PRO A 21 19.52 -16.03 12.74
C PRO A 21 20.97 -15.96 12.29
N HIS A 22 21.28 -14.99 11.43
CA HIS A 22 22.67 -14.83 10.96
C HIS A 22 23.13 -13.39 11.18
N GLU A 23 24.28 -13.21 11.84
CA GLU A 23 24.81 -11.85 12.10
C GLU A 23 26.18 -11.71 11.44
N GLY A 24 26.59 -10.48 11.12
CA GLY A 24 27.87 -10.25 10.49
C GLY A 24 27.84 -10.41 8.99
N TYR A 25 28.89 -9.96 8.30
CA TYR A 25 28.96 -10.14 6.86
C TYR A 25 29.10 -11.62 6.54
N GLU A 26 28.06 -12.19 5.95
CA GLU A 26 28.06 -13.62 5.65
C GLU A 26 26.94 -13.91 4.66
N VAL A 27 26.95 -15.14 4.13
CA VAL A 27 25.94 -15.61 3.20
C VAL A 27 24.85 -16.33 4.00
N LEU A 28 23.70 -15.67 4.16
CA LEU A 28 22.59 -16.25 4.91
C LEU A 28 22.26 -17.65 4.42
N LYS A 29 22.09 -18.57 5.38
CA LYS A 29 21.84 -19.99 5.03
C LYS A 29 20.35 -20.32 5.18
N PHE A 30 19.58 -20.18 4.11
CA PHE A 30 18.16 -20.51 4.11
C PHE A 30 18.00 -22.03 4.13
N ASP A 31 17.38 -22.55 5.18
CA ASP A 31 17.30 -24.04 5.32
C ASP A 31 15.88 -24.58 5.14
N ASP A 32 14.85 -23.84 5.59
CA ASP A 32 13.50 -24.40 5.53
C ASP A 32 12.99 -24.30 4.09
N VAL A 33 13.43 -25.24 3.26
CA VAL A 33 13.03 -25.24 1.86
C VAL A 33 11.65 -25.86 1.73
N VAL A 34 10.70 -25.08 1.22
CA VAL A 34 9.33 -25.57 1.11
C VAL A 34 9.06 -26.19 -0.27
N THR A 35 9.68 -25.66 -1.32
CA THR A 35 9.43 -26.13 -2.68
C THR A 35 10.74 -26.00 -3.46
N ASN A 36 11.25 -27.12 -3.96
CA ASN A 36 12.58 -27.13 -4.56
C ASN A 36 12.61 -27.94 -5.86
N LEU A 37 11.70 -27.66 -6.79
CA LEU A 37 11.79 -28.28 -8.11
C LEU A 37 13.15 -28.00 -8.75
N GLY A 38 13.75 -29.02 -9.37
CA GLY A 38 15.03 -28.80 -10.08
C GLY A 38 16.21 -28.94 -9.14
N ASN A 39 15.98 -28.75 -7.84
CA ASN A 39 17.07 -28.92 -6.83
C ASN A 39 18.29 -28.11 -7.27
N ASN A 40 18.14 -26.79 -7.35
CA ASN A 40 19.28 -25.90 -7.71
C ASN A 40 19.64 -25.02 -6.52
N TYR A 41 19.08 -25.29 -5.34
CA TYR A 41 19.46 -24.51 -4.13
C TYR A 41 20.03 -25.46 -3.07
N ASP A 42 21.30 -25.27 -2.69
CA ASP A 42 21.92 -26.09 -1.63
C ASP A 42 21.93 -25.30 -0.31
N ALA A 43 21.09 -25.70 0.65
CA ALA A 43 20.98 -24.95 1.91
C ALA A 43 22.36 -24.86 2.58
N ALA A 44 23.25 -25.81 2.29
CA ALA A 44 24.56 -25.84 2.97
C ALA A 44 25.36 -24.56 2.64
N SER A 45 25.42 -24.19 1.36
CA SER A 45 26.23 -23.02 0.96
C SER A 45 25.34 -21.79 0.78
N GLY A 46 24.03 -21.93 1.02
CA GLY A 46 23.11 -20.80 0.77
C GLY A 46 23.34 -20.24 -0.62
N LYS A 47 23.35 -21.10 -1.64
CA LYS A 47 23.66 -20.61 -3.00
C LYS A 47 22.67 -21.20 -4.01
N PHE A 48 22.67 -20.68 -5.24
CA PHE A 48 21.71 -21.13 -6.28
C PHE A 48 22.47 -21.45 -7.56
N THR A 49 23.19 -22.57 -7.58
CA THR A 49 24.00 -22.92 -8.75
C THR A 49 23.06 -23.05 -9.95
N CYS A 50 23.06 -22.03 -10.82
CA CYS A 50 22.16 -22.04 -11.97
C CYS A 50 22.79 -22.88 -13.08
N ASN A 51 22.29 -24.11 -13.25
CA ASN A 51 22.78 -24.97 -14.32
C ASN A 51 22.19 -24.59 -15.68
N ILE A 52 20.97 -24.08 -15.70
CA ILE A 52 20.27 -23.76 -16.94
C ILE A 52 20.38 -22.26 -17.18
N PRO A 53 21.10 -21.81 -18.20
CA PRO A 53 21.17 -20.37 -18.48
C PRO A 53 19.82 -19.82 -18.92
N GLY A 54 19.57 -18.57 -18.59
CA GLY A 54 18.33 -17.92 -18.97
C GLY A 54 18.06 -16.70 -18.10
N THR A 55 16.78 -16.39 -17.96
CA THR A 55 16.33 -15.28 -17.12
C THR A 55 15.62 -15.82 -15.89
N TYR A 56 16.03 -15.34 -14.72
CA TYR A 56 15.48 -15.76 -13.45
C TYR A 56 14.90 -14.56 -12.72
N PHE A 57 13.98 -14.83 -11.81
CA PHE A 57 13.37 -13.81 -10.96
C PHE A 57 13.51 -14.28 -9.52
N PHE A 58 14.14 -13.45 -8.69
CA PHE A 58 14.33 -13.75 -7.28
C PHE A 58 13.77 -12.63 -6.42
N THR A 59 12.93 -12.99 -5.45
CA THR A 59 12.48 -12.06 -4.43
C THR A 59 12.98 -12.55 -3.07
N TYR A 60 13.22 -11.60 -2.17
CA TYR A 60 13.70 -11.95 -0.86
C TYR A 60 13.24 -10.92 0.16
N HIS A 61 12.85 -11.41 1.33
CA HIS A 61 12.45 -10.58 2.46
C HIS A 61 13.20 -11.07 3.69
N VAL A 62 13.88 -10.15 4.38
CA VAL A 62 14.67 -10.48 5.56
C VAL A 62 14.19 -9.59 6.70
N LEU A 63 13.92 -10.21 7.85
CA LEU A 63 13.45 -9.47 9.01
C LEU A 63 14.62 -9.03 9.87
N MET A 64 14.46 -7.86 10.50
CA MET A 64 15.49 -7.31 11.38
C MET A 64 15.34 -7.87 12.79
N ARG A 65 16.47 -8.22 13.41
CA ARG A 65 16.45 -8.75 14.77
C ARG A 65 15.91 -7.71 15.74
N GLY A 66 14.73 -7.97 16.30
CA GLY A 66 14.14 -7.02 17.22
C GLY A 66 14.93 -6.95 18.52
N GLY A 67 15.15 -5.71 18.98
CA GLY A 67 15.83 -5.47 20.23
C GLY A 67 17.34 -5.41 20.16
N ASP A 68 17.94 -5.89 19.07
CA ASP A 68 19.39 -5.89 18.92
C ASP A 68 19.73 -5.42 17.52
N GLY A 69 20.36 -4.27 17.42
CA GLY A 69 20.69 -3.64 16.14
C GLY A 69 19.61 -2.68 15.70
N THR A 70 20.03 -1.67 14.94
CA THR A 70 19.11 -0.63 14.48
C THR A 70 18.99 -0.57 12.97
N SER A 71 20.11 -0.70 12.25
CA SER A 71 20.08 -0.68 10.77
C SER A 71 20.89 -1.87 10.21
N MET A 72 20.23 -2.78 9.48
CA MET A 72 20.91 -3.94 8.88
C MET A 72 20.86 -3.83 7.35
N TRP A 73 21.99 -4.01 6.68
CA TRP A 73 22.04 -3.91 5.20
C TRP A 73 22.04 -5.32 4.59
N ALA A 74 21.25 -5.55 3.55
CA ALA A 74 21.22 -6.87 2.87
C ALA A 74 21.40 -6.66 1.37
N ASP A 75 22.13 -7.56 0.71
CA ASP A 75 22.47 -7.43 -0.71
C ASP A 75 22.38 -8.79 -1.38
N LEU A 76 21.61 -8.87 -2.45
CA LEU A 76 21.57 -10.07 -3.27
C LEU A 76 22.68 -9.94 -4.31
N CYS A 77 23.59 -10.90 -4.31
CA CYS A 77 24.81 -10.83 -5.13
C CYS A 77 24.89 -12.02 -6.07
N LYS A 78 25.22 -11.70 -7.32
CA LYS A 78 25.48 -12.74 -8.35
C LYS A 78 27.00 -12.71 -8.55
N ASN A 79 27.66 -13.84 -8.36
CA ASN A 79 29.12 -13.94 -8.40
C ASN A 79 29.65 -12.99 -7.35
N GLY A 80 30.53 -12.03 -7.68
CA GLY A 80 30.96 -11.02 -6.74
C GLY A 80 30.35 -9.65 -6.94
N GLN A 81 29.37 -9.50 -7.82
CA GLN A 81 28.79 -8.21 -8.13
C GLN A 81 27.44 -8.06 -7.41
N VAL A 82 27.31 -6.98 -6.64
CA VAL A 82 26.08 -6.70 -5.90
C VAL A 82 25.05 -6.12 -6.86
N ARG A 83 23.99 -6.87 -7.14
CA ARG A 83 22.99 -6.42 -8.15
C ARG A 83 21.78 -5.77 -7.47
N ALA A 84 21.58 -6.00 -6.18
CA ALA A 84 20.43 -5.43 -5.49
C ALA A 84 20.74 -5.35 -4.00
N SER A 85 20.07 -4.42 -3.32
CA SER A 85 20.31 -4.21 -1.91
C SER A 85 19.03 -3.70 -1.25
N ALA A 86 19.03 -3.72 0.08
CA ALA A 86 17.95 -3.19 0.88
C ALA A 86 18.52 -2.74 2.22
N ILE A 87 17.78 -1.86 2.90
CA ILE A 87 18.22 -1.30 4.17
C ILE A 87 17.02 -1.19 5.13
N ALA A 88 17.01 -2.03 6.16
CA ALA A 88 15.98 -1.96 7.18
C ALA A 88 16.48 -1.10 8.34
N GLN A 89 15.74 -0.05 8.67
CA GLN A 89 16.17 0.90 9.69
C GLN A 89 15.02 1.25 10.61
N ASP A 90 15.27 1.21 11.92
CA ASP A 90 14.24 1.58 12.92
C ASP A 90 14.93 1.91 14.25
N ALA A 91 14.95 3.19 14.66
CA ALA A 91 15.66 3.58 15.88
C ALA A 91 15.12 2.88 17.12
N ASP A 92 13.79 2.72 17.22
CA ASP A 92 13.16 2.12 18.40
C ASP A 92 13.51 0.64 18.55
N GLN A 93 14.23 0.08 17.56
CA GLN A 93 14.68 -1.34 17.63
C GLN A 93 13.54 -2.32 17.30
N ASN A 94 12.44 -1.84 16.72
CA ASN A 94 11.35 -2.72 16.30
C ASN A 94 11.70 -3.41 14.99
N TYR A 95 10.85 -4.34 14.57
CA TYR A 95 11.10 -5.12 13.37
C TYR A 95 10.73 -4.32 12.12
N ASP A 96 11.41 -4.63 11.02
CA ASP A 96 11.14 -3.92 9.73
C ASP A 96 11.75 -4.73 8.58
N TYR A 97 10.94 -5.11 7.59
CA TYR A 97 11.40 -5.96 6.50
C TYR A 97 12.38 -5.20 5.59
N ALA A 98 13.52 -5.82 5.31
CA ALA A 98 14.36 -5.43 4.18
C ALA A 98 14.04 -6.38 3.04
N SER A 99 13.40 -5.86 2.00
CA SER A 99 12.85 -6.70 0.94
C SER A 99 13.24 -6.16 -0.42
N ASN A 100 13.30 -7.07 -1.39
CA ASN A 100 13.52 -6.66 -2.78
C ASN A 100 13.13 -7.78 -3.71
N SER A 101 12.96 -7.43 -4.98
CA SER A 101 12.62 -8.38 -6.04
C SER A 101 13.33 -7.98 -7.31
N VAL A 102 14.00 -8.93 -7.94
CA VAL A 102 14.89 -8.65 -9.06
C VAL A 102 14.65 -9.66 -10.18
N ILE A 103 14.97 -9.23 -11.40
CA ILE A 103 15.04 -10.11 -12.57
C ILE A 103 16.46 -10.04 -13.10
N LEU A 104 17.09 -11.21 -13.26
CA LEU A 104 18.49 -11.31 -13.62
C LEU A 104 18.64 -12.21 -14.84
N HIS A 105 19.71 -11.99 -15.59
CA HIS A 105 20.06 -12.85 -16.72
C HIS A 105 21.25 -13.71 -16.29
N LEU A 106 20.95 -14.85 -15.68
CA LEU A 106 21.99 -15.71 -15.14
C LEU A 106 22.67 -16.48 -16.27
N ASP A 107 23.99 -16.57 -16.20
CA ASP A 107 24.78 -17.32 -17.16
C ASP A 107 24.82 -18.78 -16.73
N ALA A 108 25.73 -19.56 -17.31
CA ALA A 108 25.86 -20.98 -17.00
C ALA A 108 26.74 -21.15 -15.76
N GLY A 109 26.16 -21.65 -14.67
CA GLY A 109 26.92 -22.02 -13.49
C GLY A 109 27.05 -20.96 -12.43
N ASP A 110 26.59 -19.73 -12.68
CA ASP A 110 26.76 -18.65 -11.72
C ASP A 110 25.98 -18.90 -10.44
N GLU A 111 26.38 -18.17 -9.39
CA GLU A 111 25.75 -18.39 -8.06
C GLU A 111 25.21 -17.07 -7.50
N VAL A 112 23.93 -17.04 -7.12
CA VAL A 112 23.27 -15.89 -6.54
C VAL A 112 22.93 -16.20 -5.08
N PHE A 113 23.27 -15.27 -4.19
CA PHE A 113 23.08 -15.55 -2.75
C PHE A 113 23.00 -14.24 -1.96
N ILE A 114 22.31 -14.27 -0.82
CA ILE A 114 22.10 -13.10 0.03
C ILE A 114 23.31 -12.91 0.93
N LYS A 115 23.79 -11.66 1.02
CA LYS A 115 24.94 -11.35 1.91
C LYS A 115 24.56 -10.18 2.81
N LEU A 116 24.39 -10.42 4.11
CA LEU A 116 24.00 -9.40 5.07
C LEU A 116 25.19 -8.47 5.31
N ASP A 117 25.05 -7.20 4.96
CA ASP A 117 26.12 -6.22 5.10
C ASP A 117 25.89 -5.42 6.38
N GLY A 118 26.24 -6.03 7.51
CA GLY A 118 26.05 -5.36 8.78
C GLY A 118 24.61 -5.46 9.24
N GLY A 119 24.38 -5.41 10.54
CA GLY A 119 23.06 -5.64 11.09
C GLY A 119 22.89 -7.07 11.58
N LYS A 120 21.72 -7.33 12.18
CA LYS A 120 21.46 -8.68 12.74
C LYS A 120 20.18 -9.24 12.10
N ALA A 121 20.27 -10.42 11.49
CA ALA A 121 19.10 -11.01 10.82
C ALA A 121 18.18 -11.67 11.86
N HIS A 122 16.88 -11.74 11.57
CA HIS A 122 15.90 -12.41 12.46
C HIS A 122 15.16 -13.47 11.63
N GLY A 123 15.03 -14.70 12.13
CA GLY A 123 14.42 -15.76 11.30
C GLY A 123 13.61 -16.77 12.09
N GLY A 124 12.29 -16.55 12.24
CA GLY A 124 11.43 -17.57 12.87
C GLY A 124 11.83 -18.95 12.39
N ASN A 125 11.85 -19.93 13.30
CA ASN A 125 12.29 -21.30 12.93
C ASN A 125 11.31 -21.88 11.90
N SER A 126 10.01 -21.74 12.14
CA SER A 126 9.00 -22.27 11.21
C SER A 126 7.94 -21.19 10.92
N ASN A 127 8.05 -20.04 11.58
CA ASN A 127 7.11 -18.93 11.27
C ASN A 127 7.41 -18.46 9.85
N LYS A 128 8.46 -18.99 9.23
CA LYS A 128 8.85 -18.63 7.87
C LYS A 128 8.64 -17.14 7.60
N TYR A 129 9.21 -16.30 8.47
CA TYR A 129 9.11 -14.85 8.28
C TYR A 129 9.96 -14.40 7.10
N SER A 130 11.27 -14.64 7.17
CA SER A 130 12.19 -14.24 6.12
C SER A 130 12.25 -15.32 5.06
N THR A 131 12.00 -14.93 3.81
CA THR A 131 11.90 -15.88 2.72
C THR A 131 12.82 -15.46 1.58
N PHE A 132 13.19 -16.45 0.76
CA PHE A 132 13.98 -16.22 -0.44
C PHE A 132 13.48 -17.18 -1.49
N SER A 133 12.89 -16.66 -2.57
CA SER A 133 12.21 -17.51 -3.54
C SER A 133 12.47 -17.01 -4.95
N GLY A 134 12.75 -17.95 -5.86
CA GLY A 134 13.04 -17.58 -7.22
C GLY A 134 12.52 -18.63 -8.19
N PHE A 135 12.43 -18.22 -9.46
CA PHE A 135 12.05 -19.16 -10.50
C PHE A 135 12.50 -18.61 -11.85
N ILE A 136 12.64 -19.51 -12.81
CA ILE A 136 13.08 -19.16 -14.14
C ILE A 136 11.86 -18.76 -14.97
N ILE A 137 12.04 -17.75 -15.81
CA ILE A 137 10.97 -17.22 -16.65
C ILE A 137 11.17 -17.64 -18.10
N TYR A 138 12.35 -17.41 -18.64
CA TYR A 138 12.69 -17.83 -20.00
C TYR A 138 13.96 -18.67 -19.97
N SER A 139 14.11 -19.52 -20.98
CA SER A 139 15.29 -20.35 -21.15
C SER A 139 16.03 -19.91 -22.41
N ASP A 140 17.34 -19.70 -22.28
CA ASP A 140 18.16 -19.28 -23.40
C ASP A 140 18.35 -20.41 -24.41
N VAL B 9 -0.40 -23.80 -21.47
CA VAL B 9 -1.81 -23.90 -21.80
C VAL B 9 -2.74 -23.32 -20.73
N PRO B 10 -2.68 -23.83 -19.49
CA PRO B 10 -3.60 -23.33 -18.47
C PRO B 10 -3.31 -21.88 -18.11
N ARG B 11 -4.36 -21.05 -18.20
CA ARG B 11 -4.20 -19.61 -17.87
C ARG B 11 -4.94 -19.33 -16.56
N VAL B 12 -4.18 -19.13 -15.48
CA VAL B 12 -4.73 -18.87 -14.15
C VAL B 12 -3.92 -17.75 -13.51
N ALA B 13 -4.56 -16.62 -13.22
CA ALA B 13 -3.92 -15.51 -12.55
C ALA B 13 -4.97 -14.64 -11.90
N PHE B 14 -4.63 -14.07 -10.74
CA PHE B 14 -5.61 -13.29 -10.01
C PHE B 14 -4.90 -12.17 -9.25
N TYR B 15 -5.63 -11.06 -9.07
CA TYR B 15 -5.11 -9.92 -8.33
C TYR B 15 -6.28 -9.12 -7.77
N ALA B 16 -6.27 -8.90 -6.46
CA ALA B 16 -7.36 -8.21 -5.77
C ALA B 16 -6.81 -7.30 -4.69
N GLY B 17 -7.32 -6.08 -4.64
CA GLY B 17 -6.99 -5.13 -3.59
C GLY B 17 -8.05 -5.13 -2.51
N LEU B 18 -7.61 -4.96 -1.26
CA LEU B 18 -8.50 -4.93 -0.12
C LEU B 18 -9.37 -3.68 -0.16
N LYS B 19 -10.58 -3.79 0.37
CA LYS B 19 -11.57 -2.72 0.29
C LYS B 19 -12.09 -2.25 1.65
N ASN B 20 -12.22 -3.16 2.61
CA ASN B 20 -12.74 -2.65 3.89
C ASN B 20 -11.69 -2.92 4.97
N PRO B 21 -11.72 -2.19 6.09
CA PRO B 21 -10.74 -2.36 7.18
C PRO B 21 -11.06 -3.60 8.00
N HIS B 22 -10.13 -4.54 8.03
CA HIS B 22 -10.27 -5.77 8.80
C HIS B 22 -9.32 -5.74 9.99
N GLU B 23 -9.83 -6.13 11.16
CA GLU B 23 -9.04 -6.10 12.39
C GLU B 23 -9.37 -7.36 13.20
N GLY B 24 -8.36 -7.86 13.91
CA GLY B 24 -8.54 -9.00 14.78
C GLY B 24 -8.14 -10.31 14.13
N TYR B 25 -8.70 -11.42 14.64
CA TYR B 25 -8.31 -12.76 14.14
C TYR B 25 -9.30 -13.27 13.09
N GLU B 26 -9.46 -12.53 12.00
CA GLU B 26 -10.34 -12.92 10.90
C GLU B 26 -9.53 -12.98 9.60
N VAL B 27 -10.03 -13.79 8.66
CA VAL B 27 -9.43 -13.90 7.35
C VAL B 27 -9.66 -12.60 6.58
N LEU B 28 -8.60 -12.09 5.96
CA LEU B 28 -8.75 -10.93 5.10
C LEU B 28 -9.57 -11.31 3.88
N LYS B 29 -10.44 -10.37 3.45
CA LYS B 29 -11.34 -10.66 2.29
C LYS B 29 -11.18 -9.57 1.23
N PHE B 30 -10.15 -9.69 0.39
CA PHE B 30 -9.94 -8.75 -0.69
C PHE B 30 -11.13 -8.78 -1.63
N ASP B 31 -11.66 -7.61 -1.95
CA ASP B 31 -12.89 -7.53 -2.74
C ASP B 31 -12.70 -6.80 -4.06
N ASP B 32 -11.83 -5.78 -4.07
CA ASP B 32 -11.57 -5.01 -5.31
C ASP B 32 -10.76 -5.88 -6.28
N VAL B 33 -11.43 -6.79 -7.01
CA VAL B 33 -10.74 -7.68 -7.93
C VAL B 33 -10.46 -6.92 -9.22
N VAL B 34 -9.18 -6.84 -9.60
CA VAL B 34 -8.79 -6.10 -10.79
C VAL B 34 -8.61 -7.01 -11.99
N THR B 35 -7.88 -8.12 -11.81
CA THR B 35 -7.68 -9.11 -12.86
C THR B 35 -7.95 -10.49 -12.30
N ASN B 36 -8.77 -11.27 -13.00
CA ASN B 36 -9.14 -12.60 -12.53
C ASN B 36 -9.35 -13.49 -13.76
N LEU B 37 -8.33 -14.27 -14.10
CA LEU B 37 -8.44 -15.26 -15.16
C LEU B 37 -8.83 -16.61 -14.58
N GLY B 38 -9.64 -17.34 -15.33
CA GLY B 38 -10.12 -18.66 -14.91
C GLY B 38 -11.17 -18.63 -13.82
N ASN B 39 -11.28 -17.51 -13.11
CA ASN B 39 -12.25 -17.33 -12.02
C ASN B 39 -12.10 -18.46 -11.00
N ASN B 40 -10.94 -18.45 -10.35
CA ASN B 40 -10.66 -19.35 -9.24
C ASN B 40 -10.67 -18.67 -7.88
N TYR B 41 -10.35 -17.36 -7.87
CA TYR B 41 -10.37 -16.60 -6.59
C TYR B 41 -11.72 -15.88 -6.47
N ASP B 42 -12.41 -16.08 -5.35
CA ASP B 42 -13.69 -15.38 -5.10
C ASP B 42 -13.45 -14.24 -4.11
N ALA B 43 -13.56 -12.99 -4.57
CA ALA B 43 -13.31 -11.83 -3.69
C ALA B 43 -14.15 -11.98 -2.42
N ALA B 44 -15.40 -12.43 -2.59
CA ALA B 44 -16.29 -12.62 -1.42
C ALA B 44 -15.67 -13.66 -0.48
N SER B 45 -15.22 -14.80 -1.02
CA SER B 45 -14.58 -15.84 -0.20
C SER B 45 -13.25 -15.32 0.32
N GLY B 46 -12.64 -14.37 -0.40
CA GLY B 46 -11.33 -13.85 0.01
C GLY B 46 -10.28 -14.95 -0.05
N LYS B 47 -10.56 -16.03 -0.77
CA LYS B 47 -9.64 -17.19 -0.79
C LYS B 47 -9.39 -17.66 -2.22
N PHE B 48 -8.29 -18.38 -2.44
CA PHE B 48 -7.96 -18.93 -3.75
C PHE B 48 -8.07 -20.44 -3.69
N THR B 49 -9.04 -20.98 -4.42
CA THR B 49 -9.26 -22.42 -4.53
C THR B 49 -8.56 -22.96 -5.78
N CYS B 50 -7.57 -23.82 -5.57
CA CYS B 50 -6.86 -24.45 -6.67
C CYS B 50 -7.71 -25.56 -7.27
N ASN B 51 -7.85 -25.54 -8.59
CA ASN B 51 -8.58 -26.63 -9.30
C ASN B 51 -7.60 -27.22 -10.33
N ILE B 52 -6.52 -26.48 -10.62
CA ILE B 52 -5.48 -26.96 -11.58
C ILE B 52 -4.21 -27.25 -10.78
N PRO B 53 -4.01 -28.49 -10.28
CA PRO B 53 -2.79 -28.83 -9.56
C PRO B 53 -1.56 -28.25 -10.26
N GLY B 54 -0.52 -27.92 -9.50
CA GLY B 54 0.67 -27.30 -10.05
C GLY B 54 1.42 -26.51 -8.99
N THR B 55 2.17 -25.52 -9.46
CA THR B 55 2.93 -24.64 -8.58
C THR B 55 2.45 -23.20 -8.79
N TYR B 56 2.30 -22.47 -7.70
CA TYR B 56 1.78 -21.11 -7.74
C TYR B 56 2.74 -20.15 -7.03
N PHE B 57 2.65 -18.87 -7.42
CA PHE B 57 3.44 -17.80 -6.75
C PHE B 57 2.44 -16.77 -6.20
N PHE B 58 2.40 -16.57 -4.87
CA PHE B 58 1.41 -15.70 -4.19
C PHE B 58 2.14 -14.60 -3.42
N THR B 59 1.94 -13.34 -3.79
CA THR B 59 2.57 -12.22 -3.10
C THR B 59 1.48 -11.31 -2.54
N TYR B 60 1.65 -10.91 -1.29
CA TYR B 60 0.64 -10.11 -0.60
C TYR B 60 1.29 -9.00 0.21
N HIS B 61 0.68 -7.82 0.17
CA HIS B 61 1.09 -6.67 0.95
C HIS B 61 -0.13 -6.16 1.72
N VAL B 62 0.01 -6.02 3.03
CA VAL B 62 -1.08 -5.58 3.90
C VAL B 62 -0.60 -4.37 4.69
N LEU B 63 -1.39 -3.30 4.68
CA LEU B 63 -1.02 -2.03 5.28
C LEU B 63 -1.52 -1.94 6.71
N MET B 64 -0.62 -1.62 7.64
CA MET B 64 -1.02 -1.38 9.02
C MET B 64 -1.83 -0.09 9.12
N ARG B 65 -2.87 -0.12 9.94
CA ARG B 65 -3.66 1.08 10.18
C ARG B 65 -2.85 2.10 10.98
N GLY B 66 -2.93 3.37 10.56
CA GLY B 66 -2.20 4.43 11.21
C GLY B 66 -2.97 5.03 12.37
N GLY B 67 -2.22 5.39 13.42
CA GLY B 67 -2.80 5.96 14.62
C GLY B 67 -3.32 4.96 15.63
N ASP B 68 -3.41 3.68 15.28
CA ASP B 68 -3.90 2.65 16.18
C ASP B 68 -2.97 1.45 16.11
N GLY B 69 -2.66 0.89 17.28
CA GLY B 69 -1.82 -0.29 17.36
C GLY B 69 -0.38 -0.05 16.97
N THR B 70 0.48 -1.03 17.20
CA THR B 70 1.89 -0.91 16.86
C THR B 70 2.39 -2.13 16.08
N SER B 71 1.76 -3.28 16.28
CA SER B 71 2.19 -4.52 15.67
C SER B 71 1.10 -5.06 14.75
N MET B 72 1.51 -5.60 13.59
CA MET B 72 0.53 -6.13 12.62
C MET B 72 1.06 -7.46 12.06
N TRP B 73 0.31 -8.55 12.25
CA TRP B 73 0.76 -9.88 11.80
C TRP B 73 -0.09 -10.38 10.64
N ALA B 74 0.48 -10.46 9.43
CA ALA B 74 -0.23 -11.01 8.29
C ALA B 74 0.44 -12.32 7.89
N ASP B 75 -0.31 -13.43 7.92
CA ASP B 75 0.28 -14.73 7.65
C ASP B 75 -0.48 -15.49 6.57
N LEU B 76 0.12 -15.57 5.37
CA LEU B 76 -0.48 -16.37 4.32
C LEU B 76 -0.55 -17.82 4.77
N CYS B 77 -1.65 -18.49 4.47
CA CYS B 77 -1.80 -19.89 4.87
C CYS B 77 -2.55 -20.66 3.79
N LYS B 78 -1.99 -21.79 3.37
CA LYS B 78 -2.67 -22.69 2.44
C LYS B 78 -3.29 -23.81 3.27
N ASN B 79 -4.59 -24.01 3.10
CA ASN B 79 -5.36 -25.00 3.86
C ASN B 79 -5.30 -24.55 5.33
N GLY B 80 -5.00 -25.43 6.28
CA GLY B 80 -4.98 -25.00 7.66
C GLY B 80 -3.61 -24.74 8.27
N GLN B 81 -2.55 -25.07 7.54
CA GLN B 81 -1.19 -24.92 8.06
C GLN B 81 -0.58 -23.64 7.51
N VAL B 82 -0.21 -22.73 8.42
CA VAL B 82 0.44 -21.48 8.01
C VAL B 82 1.72 -21.81 7.25
N ARG B 83 1.88 -21.17 6.08
CA ARG B 83 3.07 -21.36 5.27
C ARG B 83 3.93 -20.11 5.13
N ALA B 84 3.48 -18.97 5.65
CA ALA B 84 4.26 -17.74 5.59
C ALA B 84 3.74 -16.77 6.64
N SER B 85 4.57 -15.78 6.95
CA SER B 85 4.24 -14.82 7.99
C SER B 85 4.92 -13.50 7.68
N ALA B 86 4.41 -12.43 8.28
CA ALA B 86 4.94 -11.09 8.04
C ALA B 86 4.53 -10.20 9.19
N ILE B 87 5.47 -9.37 9.64
CA ILE B 87 5.29 -8.48 10.78
C ILE B 87 5.58 -7.04 10.37
N ALA B 88 4.76 -6.12 10.87
CA ALA B 88 4.97 -4.70 10.69
C ALA B 88 4.87 -4.02 12.04
N GLN B 89 5.91 -3.25 12.40
CA GLN B 89 5.95 -2.57 13.68
C GLN B 89 6.43 -1.14 13.50
N ASP B 90 5.74 -0.20 14.15
CA ASP B 90 6.14 1.21 14.18
C ASP B 90 5.60 1.81 15.47
N ALA B 91 6.52 2.33 16.30
CA ALA B 91 6.16 2.79 17.64
C ALA B 91 5.25 4.01 17.60
N ASP B 92 5.52 4.95 16.71
CA ASP B 92 4.80 6.22 16.68
C ASP B 92 3.60 6.19 15.74
N GLN B 93 2.99 5.01 15.57
CA GLN B 93 1.75 4.85 14.82
C GLN B 93 1.88 5.37 13.39
N ASN B 94 2.90 4.89 12.69
CA ASN B 94 3.11 5.24 11.29
C ASN B 94 2.42 4.19 10.42
N TYR B 95 2.69 4.23 9.12
CA TYR B 95 2.18 3.23 8.17
C TYR B 95 3.35 2.38 7.71
N ASP B 96 3.25 1.06 7.91
CA ASP B 96 4.30 0.15 7.51
C ASP B 96 3.67 -1.13 6.98
N TYR B 97 4.15 -1.59 5.84
CA TYR B 97 3.59 -2.77 5.19
C TYR B 97 4.06 -4.05 5.88
N ALA B 98 3.21 -5.08 5.79
CA ALA B 98 3.51 -6.42 6.27
C ALA B 98 3.36 -7.32 5.05
N SER B 99 4.42 -7.42 4.26
CA SER B 99 4.37 -8.07 2.96
C SER B 99 5.13 -9.38 2.97
N ASN B 100 4.84 -10.22 1.99
CA ASN B 100 5.58 -11.46 1.79
C ASN B 100 5.24 -12.01 0.41
N SER B 101 6.01 -13.01 -0.02
CA SER B 101 5.84 -13.60 -1.34
C SER B 101 6.38 -15.02 -1.28
N VAL B 102 5.55 -16.00 -1.64
CA VAL B 102 5.89 -17.41 -1.48
C VAL B 102 5.47 -18.21 -2.70
N ILE B 103 6.37 -19.08 -3.16
CA ILE B 103 6.08 -20.06 -4.20
C ILE B 103 5.60 -21.33 -3.51
N LEU B 104 4.42 -21.81 -3.89
CA LEU B 104 3.83 -22.97 -3.23
C LEU B 104 3.35 -23.98 -4.26
N HIS B 105 3.49 -25.27 -3.92
CA HIS B 105 3.01 -26.36 -4.75
C HIS B 105 1.63 -26.76 -4.27
N LEU B 106 0.59 -26.39 -5.02
CA LEU B 106 -0.80 -26.64 -4.64
C LEU B 106 -1.38 -27.75 -5.51
N ASP B 107 -1.70 -28.89 -4.91
CA ASP B 107 -2.36 -29.96 -5.64
C ASP B 107 -3.83 -29.58 -5.81
N ALA B 108 -4.64 -30.51 -6.30
CA ALA B 108 -6.05 -30.22 -6.56
C ALA B 108 -6.81 -30.00 -5.27
N GLY B 109 -7.78 -29.08 -5.32
CA GLY B 109 -8.67 -28.83 -4.19
C GLY B 109 -8.07 -28.15 -2.98
N ASP B 110 -6.99 -27.38 -3.15
CA ASP B 110 -6.37 -26.70 -2.03
C ASP B 110 -6.91 -25.28 -1.88
N GLU B 111 -6.88 -24.78 -0.66
CA GLU B 111 -7.37 -23.46 -0.33
C GLU B 111 -6.21 -22.63 0.21
N VAL B 112 -6.10 -21.37 -0.22
CA VAL B 112 -5.04 -20.51 0.27
C VAL B 112 -5.60 -19.10 0.50
N PHE B 113 -5.21 -18.49 1.60
CA PHE B 113 -5.76 -17.19 1.97
C PHE B 113 -4.88 -16.52 3.03
N ILE B 114 -4.98 -15.20 3.08
CA ILE B 114 -4.23 -14.38 4.03
C ILE B 114 -5.00 -14.32 5.34
N LYS B 115 -4.42 -14.86 6.42
CA LYS B 115 -5.07 -14.79 7.72
C LYS B 115 -4.42 -13.68 8.53
N LEU B 116 -5.22 -12.97 9.32
CA LEU B 116 -4.75 -11.83 10.09
C LEU B 116 -4.50 -12.25 11.54
N ASP B 117 -3.23 -12.25 11.94
CA ASP B 117 -2.85 -12.66 13.31
C ASP B 117 -2.81 -11.41 14.20
N GLY B 118 -3.97 -10.79 14.44
CA GLY B 118 -4.00 -9.64 15.32
C GLY B 118 -3.62 -8.35 14.61
N GLY B 119 -4.10 -7.22 15.11
CA GLY B 119 -3.82 -5.93 14.51
C GLY B 119 -5.01 -5.41 13.73
N LYS B 120 -4.80 -4.23 13.12
CA LYS B 120 -5.87 -3.57 12.32
C LYS B 120 -5.32 -3.20 10.95
N ALA B 121 -5.87 -3.78 9.88
CA ALA B 121 -5.49 -3.48 8.51
C ALA B 121 -6.17 -2.22 8.01
N HIS B 122 -5.56 -1.60 7.00
CA HIS B 122 -6.09 -0.36 6.45
C HIS B 122 -7.39 -0.62 5.70
N GLY B 123 -8.16 0.45 5.51
CA GLY B 123 -9.45 0.33 4.84
C GLY B 123 -9.53 1.08 3.53
N GLY B 124 -8.48 0.97 2.72
CA GLY B 124 -8.46 1.63 1.40
C GLY B 124 -9.71 1.28 0.62
N ASN B 125 -10.36 2.28 0.00
CA ASN B 125 -11.64 2.04 -0.71
C ASN B 125 -11.37 1.64 -2.16
N SER B 126 -10.37 2.25 -2.80
CA SER B 126 -10.13 1.98 -4.24
C SER B 126 -8.66 2.23 -4.55
N ASN B 127 -7.94 2.85 -3.62
CA ASN B 127 -6.50 3.18 -3.81
C ASN B 127 -5.68 1.90 -3.94
N LYS B 128 -6.20 0.78 -3.44
CA LYS B 128 -5.52 -0.51 -3.51
C LYS B 128 -4.14 -0.46 -2.84
N TYR B 129 -4.11 0.03 -1.60
CA TYR B 129 -2.86 0.00 -0.85
C TYR B 129 -2.48 -1.42 -0.47
N SER B 130 -3.45 -2.19 0.02
CA SER B 130 -3.25 -3.59 0.33
C SER B 130 -3.59 -4.42 -0.90
N THR B 131 -2.71 -5.34 -1.28
CA THR B 131 -2.90 -6.09 -2.51
C THR B 131 -2.58 -7.56 -2.28
N PHE B 132 -3.21 -8.41 -3.09
CA PHE B 132 -2.98 -9.84 -3.07
C PHE B 132 -2.97 -10.31 -4.52
N SER B 133 -1.86 -10.91 -4.96
CA SER B 133 -1.75 -11.26 -6.36
C SER B 133 -0.98 -12.56 -6.52
N GLY B 134 -1.52 -13.45 -7.34
CA GLY B 134 -0.88 -14.74 -7.55
C GLY B 134 -1.09 -15.23 -8.97
N PHE B 135 -0.22 -16.16 -9.36
CA PHE B 135 -0.34 -16.76 -10.69
C PHE B 135 0.40 -18.10 -10.70
N ILE B 136 -0.08 -18.99 -11.58
CA ILE B 136 0.49 -20.32 -11.69
C ILE B 136 1.75 -20.26 -12.53
N ILE B 137 2.65 -21.23 -12.31
CA ILE B 137 3.91 -21.31 -13.04
C ILE B 137 4.01 -22.61 -13.83
N TYR B 138 3.72 -23.72 -13.14
CA TYR B 138 3.82 -25.05 -13.79
C TYR B 138 2.58 -25.90 -13.48
N SER B 139 2.26 -26.82 -14.38
CA SER B 139 1.12 -27.74 -14.23
C SER B 139 1.64 -29.14 -13.89
N ASP B 140 1.02 -29.75 -12.90
CA ASP B 140 1.41 -31.10 -12.47
C ASP B 140 0.76 -32.17 -13.34
N VAL C 9 6.35 -16.74 -28.88
CA VAL C 9 6.40 -16.26 -27.50
C VAL C 9 6.71 -14.76 -27.47
N PRO C 10 6.25 -14.07 -26.43
CA PRO C 10 6.46 -12.62 -26.38
C PRO C 10 7.90 -12.18 -26.18
N ARG C 11 8.63 -12.82 -25.27
CA ARG C 11 10.05 -12.46 -25.00
C ARG C 11 10.13 -11.01 -24.51
N VAL C 12 9.48 -10.70 -23.39
CA VAL C 12 9.50 -9.37 -22.79
C VAL C 12 9.75 -9.46 -21.29
N ALA C 13 10.72 -8.68 -20.81
CA ALA C 13 11.07 -8.58 -19.40
C ALA C 13 12.06 -7.44 -19.21
N PHE C 14 12.00 -6.79 -18.06
CA PHE C 14 12.96 -5.73 -17.75
C PHE C 14 13.07 -5.55 -16.25
N TYR C 15 14.17 -4.93 -15.83
CA TYR C 15 14.42 -4.59 -14.44
C TYR C 15 15.38 -3.42 -14.39
N ALA C 16 15.07 -2.39 -13.60
CA ALA C 16 15.91 -1.21 -13.59
C ALA C 16 15.93 -0.57 -12.21
N GLY C 17 17.08 -0.01 -11.85
CA GLY C 17 17.25 0.78 -10.66
C GLY C 17 17.40 2.26 -10.97
N LEU C 18 17.45 3.05 -9.89
CA LEU C 18 17.43 4.50 -9.97
C LEU C 18 18.74 5.09 -9.45
N LYS C 19 19.25 6.10 -10.16
CA LYS C 19 20.54 6.73 -9.75
C LYS C 19 20.30 8.16 -9.25
N ASN C 20 19.60 8.99 -10.03
CA ASN C 20 19.40 10.39 -9.66
C ASN C 20 18.17 10.55 -8.78
N PRO C 21 18.30 11.18 -7.61
CA PRO C 21 17.13 11.41 -6.74
C PRO C 21 16.07 12.26 -7.42
N HIS C 22 14.82 12.00 -7.06
CA HIS C 22 13.67 12.65 -7.67
C HIS C 22 12.91 13.42 -6.60
N GLU C 23 12.11 14.40 -7.04
CA GLU C 23 11.33 15.23 -6.13
C GLU C 23 10.07 15.72 -6.82
N GLY C 24 9.16 16.28 -6.02
CA GLY C 24 7.91 16.80 -6.55
C GLY C 24 6.96 15.71 -6.97
N TYR C 25 6.13 16.02 -7.96
CA TYR C 25 5.15 15.07 -8.49
C TYR C 25 5.61 14.42 -9.78
N GLU C 26 6.80 14.79 -10.28
CA GLU C 26 7.35 14.24 -11.51
C GLU C 26 7.41 12.71 -11.42
N VAL C 27 7.23 12.06 -12.57
CA VAL C 27 7.26 10.60 -12.60
C VAL C 27 8.68 10.10 -12.43
N LEU C 28 8.81 8.94 -11.75
CA LEU C 28 10.15 8.38 -11.47
C LEU C 28 10.68 7.71 -12.73
N LYS C 29 11.84 8.14 -13.18
CA LYS C 29 12.48 7.59 -14.40
C LYS C 29 13.65 6.68 -14.04
N PHE C 30 13.36 5.42 -13.70
CA PHE C 30 14.40 4.44 -13.37
C PHE C 30 15.33 4.26 -14.56
N ASP C 31 16.57 4.71 -14.44
CA ASP C 31 17.48 4.80 -15.57
C ASP C 31 18.48 3.65 -15.65
N ASP C 32 19.02 3.19 -14.51
CA ASP C 32 20.05 2.15 -14.50
C ASP C 32 19.41 0.79 -14.77
N VAL C 33 19.24 0.49 -16.05
CA VAL C 33 18.56 -0.74 -16.45
C VAL C 33 19.56 -1.89 -16.41
N VAL C 34 19.24 -2.92 -15.63
CA VAL C 34 20.10 -4.10 -15.58
C VAL C 34 19.84 -5.01 -16.77
N THR C 35 18.56 -5.33 -17.00
CA THR C 35 18.14 -6.10 -18.16
C THR C 35 16.91 -5.43 -18.76
N ASN C 36 16.86 -5.35 -20.09
CA ASN C 36 15.71 -4.73 -20.80
C ASN C 36 15.35 -5.62 -21.98
N LEU C 37 15.29 -6.93 -21.76
CA LEU C 37 15.02 -7.90 -22.80
C LEU C 37 13.70 -7.60 -23.51
N GLY C 38 13.78 -7.24 -24.79
CA GLY C 38 12.65 -6.76 -25.55
C GLY C 38 12.66 -5.28 -25.83
N ASN C 39 13.53 -4.51 -25.17
CA ASN C 39 13.75 -3.08 -25.40
C ASN C 39 12.46 -2.26 -25.41
N ASN C 40 11.46 -2.71 -24.63
CA ASN C 40 10.16 -1.98 -24.55
C ASN C 40 10.20 -0.94 -23.43
N TYR C 41 11.28 -0.89 -22.67
CA TYR C 41 11.42 0.08 -21.54
C TYR C 41 12.52 1.08 -21.88
N ASP C 42 12.24 2.38 -21.72
CA ASP C 42 13.28 3.41 -21.96
C ASP C 42 13.89 3.82 -20.61
N ALA C 43 15.17 3.55 -20.42
CA ALA C 43 15.84 3.87 -19.13
C ALA C 43 15.69 5.36 -18.82
N ALA C 44 15.99 6.21 -19.81
CA ALA C 44 15.88 7.68 -19.60
C ALA C 44 14.42 8.05 -19.32
N SER C 45 13.48 7.51 -20.09
CA SER C 45 12.05 7.82 -19.90
C SER C 45 11.58 7.25 -18.55
N GLY C 46 12.17 6.12 -18.13
CA GLY C 46 11.74 5.48 -16.88
C GLY C 46 10.32 4.94 -17.01
N LYS C 47 9.81 4.87 -18.25
CA LYS C 47 8.42 4.39 -18.49
C LYS C 47 8.46 3.11 -19.33
N PHE C 48 7.31 2.43 -19.47
CA PHE C 48 7.27 1.17 -20.19
C PHE C 48 6.04 1.16 -21.10
N THR C 49 6.27 0.92 -22.39
CA THR C 49 5.19 0.88 -23.38
C THR C 49 4.96 -0.57 -23.80
N CYS C 50 3.72 -1.05 -23.62
CA CYS C 50 3.36 -2.42 -23.96
C CYS C 50 3.22 -2.55 -25.47
N ASN C 51 4.11 -3.32 -26.10
CA ASN C 51 4.01 -3.59 -27.52
C ASN C 51 3.39 -4.95 -27.83
N ILE C 52 3.33 -5.84 -26.85
CA ILE C 52 2.68 -7.14 -27.00
C ILE C 52 1.60 -7.25 -25.93
N PRO C 53 0.33 -7.07 -26.29
CA PRO C 53 -0.73 -7.09 -25.30
C PRO C 53 -0.79 -8.41 -24.54
N GLY C 54 -1.06 -8.32 -23.24
CA GLY C 54 -1.17 -9.51 -22.43
C GLY C 54 -1.12 -9.16 -20.95
N THR C 55 -0.99 -10.21 -20.14
CA THR C 55 -0.85 -10.08 -18.70
C THR C 55 0.60 -9.82 -18.34
N TYR C 56 0.85 -8.81 -17.50
CA TYR C 56 2.20 -8.44 -17.10
C TYR C 56 2.25 -8.34 -15.59
N PHE C 57 3.25 -8.97 -14.99
CA PHE C 57 3.53 -8.84 -13.56
C PHE C 57 4.53 -7.71 -13.39
N PHE C 58 4.15 -6.71 -12.59
CA PHE C 58 4.98 -5.55 -12.32
C PHE C 58 5.24 -5.46 -10.83
N THR C 59 6.38 -4.87 -10.46
CA THR C 59 6.64 -4.62 -9.05
C THR C 59 7.62 -3.47 -8.92
N TYR C 60 7.49 -2.73 -7.83
CA TYR C 60 8.35 -1.59 -7.57
C TYR C 60 8.63 -1.47 -6.08
N HIS C 61 9.86 -1.07 -5.77
CA HIS C 61 10.31 -0.77 -4.42
C HIS C 61 11.07 0.55 -4.47
N VAL C 62 10.75 1.47 -3.57
CA VAL C 62 11.43 2.76 -3.50
C VAL C 62 11.85 3.03 -2.07
N LEU C 63 13.03 3.63 -1.92
CA LEU C 63 13.61 3.94 -0.62
C LEU C 63 13.38 5.42 -0.32
N MET C 64 12.50 5.69 0.63
CA MET C 64 12.25 7.07 1.04
C MET C 64 13.44 7.63 1.82
N ARG C 65 13.76 8.91 1.62
CA ARG C 65 14.98 9.47 2.27
C ARG C 65 14.77 10.92 2.71
N GLY C 66 14.29 11.13 3.93
CA GLY C 66 14.03 12.49 4.45
C GLY C 66 14.15 12.51 5.97
N GLY C 67 13.93 13.66 6.61
CA GLY C 67 14.11 13.75 8.07
C GLY C 67 14.16 15.20 8.52
N ASP C 68 14.39 15.44 9.81
CA ASP C 68 14.53 16.85 10.31
C ASP C 68 15.36 16.87 11.59
N GLY C 69 15.27 17.97 12.34
CA GLY C 69 16.05 18.10 13.58
C GLY C 69 16.39 19.57 13.85
N ASP C 90 19.93 17.39 16.08
CA ASP C 90 20.34 16.12 15.49
C ASP C 90 19.50 15.85 14.27
N ALA C 91 20.16 15.56 13.14
CA ALA C 91 19.48 15.31 11.88
C ALA C 91 19.96 13.98 11.31
N ASP C 92 19.00 13.14 10.91
CA ASP C 92 19.32 11.86 10.29
C ASP C 92 18.42 11.65 9.07
N GLN C 93 18.72 10.61 8.31
CA GLN C 93 18.00 10.29 7.08
C GLN C 93 16.99 9.19 7.38
N ASN C 94 15.71 9.51 7.25
CA ASN C 94 14.64 8.54 7.46
C ASN C 94 14.57 7.62 6.25
N TYR C 95 14.83 6.33 6.46
CA TYR C 95 14.89 5.35 5.39
C TYR C 95 13.85 4.27 5.61
N ASP C 96 12.92 4.14 4.67
CA ASP C 96 11.92 3.08 4.72
C ASP C 96 11.52 2.74 3.30
N TYR C 97 10.94 1.56 3.12
CA TYR C 97 10.61 1.06 1.80
C TYR C 97 9.12 1.21 1.52
N ALA C 98 8.79 1.85 0.40
CA ALA C 98 7.45 1.84 -0.16
C ALA C 98 7.45 0.88 -1.33
N SER C 99 6.68 -0.20 -1.22
CA SER C 99 6.78 -1.30 -2.17
C SER C 99 5.40 -1.80 -2.55
N ASN C 100 5.30 -2.37 -3.74
CA ASN C 100 4.07 -3.03 -4.15
C ASN C 100 4.35 -3.86 -5.40
N SER C 101 3.37 -4.69 -5.75
CA SER C 101 3.48 -5.62 -6.88
C SER C 101 2.08 -5.95 -7.37
N VAL C 102 1.86 -5.85 -8.68
CA VAL C 102 0.54 -5.98 -9.28
C VAL C 102 0.61 -6.85 -10.53
N ILE C 103 -0.57 -7.28 -10.97
CA ILE C 103 -0.77 -7.99 -12.23
C ILE C 103 -1.71 -7.14 -13.08
N LEU C 104 -1.25 -6.72 -14.25
CA LEU C 104 -1.98 -5.79 -15.10
C LEU C 104 -2.25 -6.41 -16.46
N HIS C 105 -3.46 -6.20 -16.97
CA HIS C 105 -3.82 -6.61 -18.32
C HIS C 105 -3.56 -5.45 -19.27
N LEU C 106 -2.39 -5.44 -19.89
CA LEU C 106 -2.02 -4.36 -20.79
C LEU C 106 -2.45 -4.69 -22.22
N ASP C 107 -2.83 -3.65 -22.95
CA ASP C 107 -3.14 -3.76 -24.36
C ASP C 107 -2.05 -3.05 -25.17
N ALA C 108 -2.27 -2.97 -26.49
CA ALA C 108 -1.31 -2.31 -27.36
C ALA C 108 -1.29 -0.82 -27.09
N GLY C 109 -0.10 -0.27 -26.89
CA GLY C 109 0.07 1.15 -26.68
C GLY C 109 -0.09 1.63 -25.25
N ASP C 110 -0.40 0.75 -24.32
CA ASP C 110 -0.55 1.16 -22.93
C ASP C 110 0.79 1.61 -22.34
N GLU C 111 0.71 2.53 -21.38
CA GLU C 111 1.87 3.11 -20.74
C GLU C 111 1.85 2.81 -19.25
N VAL C 112 2.99 2.39 -18.71
CA VAL C 112 3.12 2.03 -17.30
C VAL C 112 4.33 2.74 -16.73
N PHE C 113 4.13 3.43 -15.61
CA PHE C 113 5.20 4.21 -15.00
C PHE C 113 4.86 4.47 -13.54
N ILE C 114 5.89 4.74 -12.74
CA ILE C 114 5.71 4.92 -11.27
C ILE C 114 5.82 6.40 -10.93
N LYS C 115 4.70 7.12 -10.91
CA LYS C 115 4.70 8.57 -10.58
C LYS C 115 4.81 8.73 -9.06
N LEU C 116 5.76 9.54 -8.60
CA LEU C 116 5.91 9.77 -7.14
C LEU C 116 4.88 10.81 -6.71
N ASP C 117 3.81 10.37 -6.03
CA ASP C 117 2.74 11.31 -5.59
C ASP C 117 3.38 12.48 -4.86
N GLY C 118 4.01 12.24 -3.72
CA GLY C 118 4.70 13.31 -2.98
C GLY C 118 5.67 12.78 -1.94
N GLY C 119 6.83 13.41 -1.79
CA GLY C 119 7.84 12.94 -0.82
C GLY C 119 9.23 12.85 -1.42
N LYS C 120 10.09 11.98 -0.90
CA LYS C 120 11.46 11.94 -1.40
C LYS C 120 11.90 10.51 -1.63
N ALA C 121 12.55 10.26 -2.76
CA ALA C 121 13.04 8.94 -3.13
C ALA C 121 14.56 8.94 -3.20
N HIS C 122 15.20 8.25 -2.26
CA HIS C 122 16.65 8.14 -2.27
C HIS C 122 17.16 7.51 -3.55
N GLY C 123 18.32 7.97 -4.03
CA GLY C 123 18.89 7.39 -5.23
C GLY C 123 20.36 7.02 -5.11
N GLY C 124 20.68 5.75 -5.35
CA GLY C 124 22.05 5.29 -5.34
C GLY C 124 22.69 5.39 -6.70
N ASN C 125 23.90 5.97 -6.76
CA ASN C 125 24.58 6.13 -8.04
C ASN C 125 24.85 4.77 -8.69
N SER C 126 25.29 3.80 -7.90
CA SER C 126 25.36 2.42 -8.36
C SER C 126 24.90 1.46 -7.26
N ASN C 127 24.34 1.97 -6.18
CA ASN C 127 23.96 1.14 -5.05
C ASN C 127 22.71 0.31 -5.33
N LYS C 128 21.88 0.77 -6.25
CA LYS C 128 20.68 -0.03 -6.66
C LYS C 128 19.80 -0.33 -5.46
N TYR C 129 19.17 0.70 -4.88
CA TYR C 129 18.21 0.52 -3.81
C TYR C 129 16.76 0.59 -4.26
N SER C 130 16.44 1.47 -5.20
CA SER C 130 15.08 1.60 -5.72
C SER C 130 14.98 0.81 -7.01
N THR C 131 14.06 -0.15 -7.06
CA THR C 131 13.95 -1.09 -8.16
C THR C 131 12.56 -1.04 -8.77
N PHE C 132 12.50 -1.26 -10.08
CA PHE C 132 11.24 -1.41 -10.79
C PHE C 132 11.44 -2.50 -11.83
N SER C 133 10.70 -3.60 -11.68
CA SER C 133 10.92 -4.77 -12.52
C SER C 133 9.60 -5.36 -12.96
N GLY C 134 9.53 -5.74 -14.23
CA GLY C 134 8.31 -6.29 -14.78
C GLY C 134 8.62 -7.36 -15.81
N PHE C 135 7.63 -8.21 -16.04
CA PHE C 135 7.78 -9.26 -17.05
C PHE C 135 6.41 -9.80 -17.41
N ILE C 136 6.28 -10.22 -18.67
CA ILE C 136 5.01 -10.73 -19.16
C ILE C 136 4.81 -12.15 -18.63
N ILE C 137 3.54 -12.53 -18.48
CA ILE C 137 3.16 -13.88 -18.08
C ILE C 137 2.46 -14.61 -19.22
N TYR C 138 1.47 -13.96 -19.84
CA TYR C 138 0.69 -14.56 -20.91
C TYR C 138 0.64 -13.60 -22.09
N SER C 139 0.44 -14.17 -23.28
CA SER C 139 0.28 -13.41 -24.51
C SER C 139 -1.18 -13.46 -24.94
N ASP C 140 -1.75 -12.29 -25.23
CA ASP C 140 -3.14 -12.21 -25.66
C ASP C 140 -3.32 -12.78 -27.06
N PHE D 7 -34.00 1.27 -0.05
CA PHE D 7 -35.31 1.90 0.23
C PHE D 7 -35.13 3.40 0.47
N TRP D 8 -34.21 3.77 1.36
CA TRP D 8 -33.94 5.21 1.61
C TRP D 8 -33.19 5.79 0.40
N CYS D 9 -33.01 7.12 0.47
CA CYS D 9 -32.39 7.96 -0.58
C CYS D 9 -31.05 8.47 -0.08
N SER D 10 -29.94 8.21 -0.76
CA SER D 10 -28.69 8.84 -0.27
C SER D 10 -27.95 9.54 -1.42
N THR D 11 -27.01 10.42 -1.09
CA THR D 11 -26.22 11.11 -2.13
C THR D 11 -24.75 11.17 -1.71
N LEU D 12 -23.85 10.57 -2.49
CA LEU D 12 -22.42 10.54 -2.13
C LEU D 12 -21.69 11.58 -2.97
N VAL D 13 -20.87 12.41 -2.35
CA VAL D 13 -20.06 13.39 -3.13
C VAL D 13 -18.59 12.97 -3.09
N LYS D 14 -18.02 12.66 -4.25
CA LYS D 14 -16.57 12.33 -4.30
C LYS D 14 -15.93 13.15 -5.42
N GLY D 15 -14.60 13.11 -5.55
CA GLY D 15 -13.93 13.95 -6.55
C GLY D 15 -14.20 15.42 -6.29
N VAL D 16 -14.24 15.82 -5.01
CA VAL D 16 -14.63 17.23 -4.70
C VAL D 16 -13.65 17.84 -3.68
N ILE D 17 -12.70 18.64 -4.16
CA ILE D 17 -11.76 19.33 -3.24
C ILE D 17 -12.57 20.26 -2.33
N TYR D 18 -13.61 20.88 -2.87
CA TYR D 18 -14.45 21.82 -2.07
C TYR D 18 -15.91 21.75 -2.53
N GLY D 19 -16.85 21.71 -1.58
CA GLY D 19 -18.29 21.64 -1.92
C GLY D 19 -19.14 22.53 -1.02
N SER D 20 -20.22 23.09 -1.57
CA SER D 20 -21.14 23.95 -0.77
C SER D 20 -22.59 23.56 -1.05
N TYR D 21 -23.46 23.61 -0.04
CA TYR D 21 -24.85 23.15 -0.23
C TYR D 21 -25.72 23.66 0.93
N SER D 22 -26.87 24.25 0.63
CA SER D 22 -27.80 24.64 1.73
C SER D 22 -28.39 23.36 2.33
N VAL D 23 -29.01 23.44 3.51
CA VAL D 23 -29.65 22.22 4.08
C VAL D 23 -30.55 21.61 3.00
N SER D 24 -31.31 22.45 2.30
CA SER D 24 -32.23 21.95 1.24
C SER D 24 -31.41 21.32 0.13
N GLU D 25 -30.22 21.85 -0.15
CA GLU D 25 -29.41 21.36 -1.31
C GLU D 25 -29.12 19.85 -1.19
N MET D 26 -29.46 19.21 -0.07
CA MET D 26 -29.09 17.78 0.10
C MET D 26 -30.33 16.90 0.29
N PHE D 27 -31.52 17.50 0.35
CA PHE D 27 -32.72 16.69 0.64
C PHE D 27 -33.89 17.16 -0.23
N PRO D 28 -33.91 16.78 -1.52
CA PRO D 28 -34.97 17.23 -2.44
C PRO D 28 -36.13 16.22 -2.59
N LYS D 29 -35.82 14.92 -2.51
CA LYS D 29 -36.86 13.88 -2.70
C LYS D 29 -37.87 13.98 -1.56
N ASN D 30 -37.56 14.73 -0.51
CA ASN D 30 -38.50 14.92 0.63
C ASN D 30 -38.67 13.60 1.37
N PHE D 31 -37.73 12.67 1.18
CA PHE D 31 -37.81 11.35 1.84
C PHE D 31 -37.34 11.48 3.29
N THR D 32 -38.28 11.54 4.22
CA THR D 32 -37.90 11.57 5.66
C THR D 32 -36.87 10.47 5.89
N ASN D 33 -35.74 10.79 6.54
CA ASN D 33 -34.68 9.80 6.83
C ASN D 33 -33.66 9.74 5.68
N CYS D 34 -33.76 10.65 4.71
CA CYS D 34 -32.75 10.71 3.61
C CYS D 34 -31.39 11.08 4.22
N THR D 35 -30.29 10.58 3.67
CA THR D 35 -28.96 10.84 4.28
C THR D 35 -27.94 11.26 3.20
N TRP D 36 -27.17 12.31 3.47
CA TRP D 36 -26.11 12.75 2.51
C TRP D 36 -24.80 12.10 2.95
N THR D 37 -23.92 11.85 2.00
CA THR D 37 -22.66 11.16 2.30
C THR D 37 -21.49 11.93 1.71
N LEU D 38 -20.36 11.87 2.41
CA LEU D 38 -19.10 12.41 1.91
C LEU D 38 -18.00 11.38 2.12
N GLU D 39 -17.16 11.19 1.09
CA GLU D 39 -16.07 10.17 1.17
C GLU D 39 -14.71 10.87 1.01
N ASN D 40 -13.74 10.53 1.87
CA ASN D 40 -12.40 11.17 1.82
C ASN D 40 -11.63 10.68 0.59
N PRO D 41 -11.05 11.59 -0.23
CA PRO D 41 -10.25 11.18 -1.38
C PRO D 41 -9.13 10.20 -1.05
N ASP D 42 -8.45 10.36 0.10
CA ASP D 42 -7.40 9.40 0.54
C ASP D 42 -7.25 9.51 2.06
N PRO D 43 -7.84 8.60 2.85
CA PRO D 43 -7.82 8.70 4.31
C PRO D 43 -6.42 8.81 4.95
N THR D 44 -5.39 9.02 4.14
CA THR D 44 -4.00 9.10 4.67
C THR D 44 -3.44 10.50 4.41
N LYS D 45 -3.58 11.00 3.19
CA LYS D 45 -3.02 12.32 2.82
C LYS D 45 -4.13 13.37 2.71
N TYR D 46 -5.37 13.06 3.12
CA TYR D 46 -6.38 14.14 3.11
C TYR D 46 -7.26 14.09 4.36
N SER D 47 -7.44 15.22 5.01
CA SER D 47 -8.29 15.30 6.20
C SER D 47 -9.50 16.15 5.84
N ILE D 48 -10.58 15.95 6.58
CA ILE D 48 -11.87 16.56 6.25
C ILE D 48 -12.20 17.63 7.27
N TYR D 49 -12.57 18.83 6.82
CA TYR D 49 -12.97 19.91 7.75
C TYR D 49 -14.31 20.46 7.28
N LEU D 50 -15.32 20.49 8.15
CA LEU D 50 -16.68 20.89 7.69
C LEU D 50 -17.20 22.09 8.48
N LYS D 51 -18.02 22.94 7.87
CA LYS D 51 -18.63 24.08 8.60
C LYS D 51 -20.11 24.17 8.23
N PHE D 52 -20.99 24.29 9.22
CA PHE D 52 -22.44 24.45 8.91
C PHE D 52 -22.99 25.67 9.64
N SER D 53 -23.67 26.56 8.93
CA SER D 53 -24.18 27.80 9.57
C SER D 53 -25.51 27.51 10.26
N LYS D 54 -25.47 27.27 11.57
CA LYS D 54 -26.70 27.02 12.36
C LYS D 54 -27.51 28.33 12.40
N LYS D 55 -27.12 29.30 11.56
CA LYS D 55 -27.93 30.54 11.47
C LYS D 55 -29.38 30.11 11.37
N ASP D 56 -29.61 28.95 10.74
CA ASP D 56 -30.98 28.43 10.59
C ASP D 56 -31.10 27.13 11.41
N LEU D 57 -32.18 26.99 12.18
CA LEU D 57 -32.37 25.78 13.01
C LEU D 57 -32.86 24.65 12.10
N SER D 58 -31.92 23.98 11.40
CA SER D 58 -32.31 22.82 10.56
C SER D 58 -33.12 21.86 11.42
N CYS D 59 -32.65 21.59 12.64
CA CYS D 59 -33.40 20.73 13.57
C CYS D 59 -34.82 21.29 13.74
N SER D 60 -34.94 22.62 13.89
CA SER D 60 -36.27 23.23 14.14
C SER D 60 -37.25 22.73 13.07
N ASN D 61 -36.84 22.79 11.80
CA ASN D 61 -37.71 22.24 10.72
C ASN D 61 -37.63 20.71 10.78
N PHE D 62 -36.42 20.15 10.93
CA PHE D 62 -36.25 18.68 10.93
C PHE D 62 -34.95 18.31 11.64
N SER D 63 -35.00 17.33 12.55
CA SER D 63 -33.80 16.89 13.30
C SER D 63 -32.68 16.52 12.33
N LEU D 64 -31.40 16.79 12.73
CA LEU D 64 -30.21 16.53 11.87
C LEU D 64 -28.94 16.15 12.66
N LEU D 65 -28.38 14.96 12.35
CA LEU D 65 -27.17 14.46 13.06
C LEU D 65 -26.06 14.08 12.07
N ALA D 66 -24.84 13.86 12.57
CA ALA D 66 -23.71 13.51 11.69
C ALA D 66 -22.94 12.32 12.29
N TYR D 67 -22.70 11.29 11.49
CA TYR D 67 -21.91 10.14 11.99
C TYR D 67 -20.81 9.79 11.00
N GLN D 68 -19.63 9.43 11.51
CA GLN D 68 -18.51 8.97 10.64
C GLN D 68 -18.53 7.44 10.52
N PHE D 69 -17.87 6.86 9.52
CA PHE D 69 -17.92 5.39 9.32
C PHE D 69 -16.85 5.00 8.30
N ASP D 70 -16.18 3.87 8.50
CA ASP D 70 -15.07 3.49 7.59
C ASP D 70 -15.57 2.52 6.53
N HIS D 71 -16.74 1.89 6.76
CA HIS D 71 -17.25 0.84 5.84
C HIS D 71 -18.49 1.35 5.11
N PHE D 72 -18.47 1.34 3.77
CA PHE D 72 -19.59 1.96 2.99
C PHE D 72 -20.99 1.53 3.45
N SER D 73 -21.78 2.49 3.92
CA SER D 73 -23.18 2.17 4.29
C SER D 73 -24.06 3.41 4.06
N HIS D 74 -25.04 3.30 3.16
CA HIS D 74 -25.96 4.43 2.88
C HIS D 74 -26.89 4.66 4.07
N GLU D 75 -27.47 3.58 4.61
CA GLU D 75 -28.43 3.73 5.74
C GLU D 75 -28.12 2.71 6.83
N LYS D 76 -27.60 1.54 6.46
CA LYS D 76 -27.36 0.48 7.47
C LYS D 76 -26.45 1.04 8.57
N ILE D 77 -25.39 1.74 8.18
CA ILE D 77 -24.43 2.22 9.22
C ILE D 77 -25.27 2.97 10.26
N LYS D 78 -26.35 3.64 9.83
CA LYS D 78 -27.26 4.35 10.77
C LYS D 78 -28.40 3.42 11.19
N ASP D 79 -28.72 2.41 10.36
CA ASP D 79 -29.76 1.43 10.78
C ASP D 79 -29.50 1.14 12.26
N LEU D 80 -28.32 0.60 12.57
CA LEU D 80 -27.95 0.39 13.99
C LEU D 80 -27.23 1.66 14.45
N LEU D 81 -27.96 2.78 14.55
CA LEU D 81 -27.29 4.06 14.90
C LEU D 81 -26.56 3.85 16.22
N ARG D 82 -27.00 2.85 17.00
CA ARG D 82 -26.32 2.55 18.28
C ARG D 82 -24.82 2.47 17.97
N LYS D 83 -24.47 2.32 16.69
CA LYS D 83 -23.03 2.38 16.35
C LYS D 83 -22.49 3.62 17.05
N ASN D 84 -23.36 4.61 17.27
CA ASN D 84 -22.96 5.84 18.03
C ASN D 84 -21.52 6.21 17.72
N HIS D 85 -21.16 6.29 16.43
CA HIS D 85 -19.78 6.68 16.04
C HIS D 85 -19.70 8.20 16.14
N SER D 86 -19.53 8.76 17.35
CA SER D 86 -19.31 10.22 17.51
C SER D 86 -20.50 11.03 16.98
N ILE D 87 -21.68 10.42 16.93
CA ILE D 87 -22.86 11.14 16.35
C ILE D 87 -22.91 12.52 16.96
N MET D 88 -23.14 13.56 16.15
CA MET D 88 -23.11 14.94 16.70
C MET D 88 -24.35 15.70 16.24
N GLN D 89 -25.34 15.86 17.14
CA GLN D 89 -26.51 16.70 16.75
C GLN D 89 -25.94 17.97 16.15
N LEU D 90 -26.39 18.36 14.95
CA LEU D 90 -25.76 19.52 14.28
C LEU D 90 -26.55 20.81 14.56
N CYS D 91 -27.34 20.87 15.64
CA CYS D 91 -27.99 22.18 15.96
C CYS D 91 -27.86 22.54 17.46
N ASN D 92 -27.66 21.54 18.33
CA ASN D 92 -27.46 21.82 19.78
C ASN D 92 -26.22 22.71 19.94
N SER D 93 -25.95 23.59 18.97
CA SER D 93 -24.72 24.43 19.00
C SER D 93 -24.92 25.68 19.84
N LYS D 94 -24.33 25.71 21.04
CA LYS D 94 -24.41 26.94 21.86
C LYS D 94 -23.59 28.02 21.14
N ASN D 95 -23.20 27.77 19.89
CA ASN D 95 -22.45 28.82 19.13
C ASN D 95 -23.15 29.05 17.79
N ALA D 96 -22.96 30.23 17.19
CA ALA D 96 -23.59 30.56 15.89
C ALA D 96 -23.04 29.62 14.81
N PHE D 97 -21.74 29.30 14.89
CA PHE D 97 -21.11 28.43 13.87
C PHE D 97 -20.65 27.13 14.51
N VAL D 98 -20.93 26.01 13.85
CA VAL D 98 -20.47 24.68 14.36
C VAL D 98 -19.29 24.25 13.49
N PHE D 99 -18.14 23.99 14.11
CA PHE D 99 -16.96 23.50 13.34
C PHE D 99 -16.61 22.09 13.81
N LEU D 100 -16.49 21.17 12.86
CA LEU D 100 -16.10 19.78 13.18
C LEU D 100 -14.98 19.40 12.21
N GLN D 101 -14.08 18.50 12.63
CA GLN D 101 -13.00 17.98 11.74
C GLN D 101 -13.04 16.45 11.81
N TYR D 102 -12.74 15.74 10.72
CA TYR D 102 -12.87 14.26 10.69
C TYR D 102 -11.83 13.65 9.73
N ASP D 103 -11.21 12.52 10.11
CA ASP D 103 -10.15 11.91 9.26
C ASP D 103 -10.46 10.43 9.03
N LYS D 104 -11.69 10.00 9.33
CA LYS D 104 -12.06 8.60 9.02
C LYS D 104 -12.32 8.50 7.52
N ASN D 105 -12.82 7.35 7.06
CA ASN D 105 -12.99 7.16 5.59
C ASN D 105 -14.33 7.73 5.12
N PHE D 106 -15.34 7.81 6.00
CA PHE D 106 -16.64 8.28 5.45
C PHE D 106 -17.40 9.09 6.48
N ILE D 107 -17.95 10.24 6.08
CA ILE D 107 -18.78 11.09 6.93
C ILE D 107 -20.21 11.06 6.38
N GLN D 108 -21.18 11.04 7.30
CA GLN D 108 -22.59 10.94 6.87
C GLN D 108 -23.44 11.92 7.68
N ILE D 109 -24.40 12.57 7.02
CA ILE D 109 -25.30 13.53 7.63
C ILE D 109 -26.71 12.99 7.48
N ARG D 110 -27.40 12.83 8.60
CA ARG D 110 -28.74 12.18 8.56
C ARG D 110 -29.85 13.17 8.86
N ARG D 111 -30.70 13.46 7.88
CA ARG D 111 -31.86 14.37 8.03
C ARG D 111 -33.06 13.45 8.21
N VAL D 112 -33.60 13.37 9.42
CA VAL D 112 -34.68 12.43 9.72
C VAL D 112 -35.83 13.17 10.39
N PHE D 113 -37.05 12.90 9.92
CA PHE D 113 -38.24 13.39 10.61
C PHE D 113 -38.57 12.47 11.78
N PRO D 114 -38.75 13.01 12.99
CA PRO D 114 -39.03 12.16 14.16
C PRO D 114 -40.24 11.26 13.98
N GLU D 125 -36.30 30.33 0.79
CA GLU D 125 -36.30 30.93 2.14
C GLU D 125 -35.24 30.23 3.00
N GLU D 126 -35.67 29.64 4.12
CA GLU D 126 -34.71 28.99 5.06
C GLU D 126 -33.94 27.89 4.31
N ASP D 127 -34.63 27.11 3.48
CA ASP D 127 -33.97 26.02 2.72
C ASP D 127 -32.76 26.60 2.03
N GLN D 128 -32.84 27.87 1.60
CA GLN D 128 -31.70 28.54 0.90
C GLN D 128 -31.04 29.52 1.88
N LYS D 129 -31.39 29.44 3.16
CA LYS D 129 -30.77 30.33 4.18
C LYS D 129 -29.59 29.59 4.84
N SER D 130 -29.84 28.41 5.42
CA SER D 130 -28.74 27.61 6.04
C SER D 130 -27.74 27.23 4.94
N PHE D 131 -26.56 26.79 5.34
CA PHE D 131 -25.52 26.49 4.33
C PHE D 131 -24.51 25.48 4.88
N PHE D 132 -24.12 24.49 4.05
CA PHE D 132 -23.08 23.51 4.47
C PHE D 132 -21.91 23.57 3.48
N GLU D 133 -20.67 23.47 3.99
CA GLU D 133 -19.45 23.52 3.13
C GLU D 133 -18.38 22.60 3.73
N PHE D 134 -17.56 21.95 2.88
CA PHE D 134 -16.53 20.99 3.36
C PHE D 134 -15.23 21.19 2.58
N LEU D 135 -14.09 20.95 3.22
CA LEU D 135 -12.77 21.12 2.55
C LEU D 135 -11.83 19.96 2.91
N VAL D 136 -10.97 19.54 1.99
CA VAL D 136 -9.97 18.48 2.28
C VAL D 136 -8.57 19.07 2.00
N LEU D 137 -7.60 18.84 2.89
CA LEU D 137 -6.26 19.48 2.71
C LEU D 137 -5.14 18.45 2.87
N ASN D 138 -4.10 18.53 2.02
CA ASN D 138 -2.94 17.62 2.11
C ASN D 138 -2.22 17.88 3.44
N LYS D 139 -2.32 16.96 4.40
CA LYS D 139 -1.72 17.30 5.74
C LYS D 139 -0.20 17.50 5.63
N VAL D 140 0.36 17.47 4.42
CA VAL D 140 1.79 17.70 4.23
C VAL D 140 2.04 19.01 3.49
N SER D 141 1.42 19.19 2.33
CA SER D 141 1.63 20.38 1.50
C SER D 141 0.30 20.92 0.99
N PRO D 142 -0.48 21.60 1.88
CA PRO D 142 -1.80 22.11 1.51
C PRO D 142 -1.79 23.09 0.34
N SER D 143 -2.95 23.25 -0.32
CA SER D 143 -3.04 24.17 -1.48
C SER D 143 -3.38 25.58 -1.01
N GLN D 144 -2.73 26.57 -1.63
CA GLN D 144 -3.02 27.98 -1.28
C GLN D 144 -4.51 28.21 -1.41
N PHE D 145 -5.18 27.52 -2.33
CA PHE D 145 -6.62 27.79 -2.54
C PHE D 145 -7.36 27.24 -1.33
N GLY D 146 -7.14 25.95 -1.08
CA GLY D 146 -7.72 25.37 0.13
C GLY D 146 -7.15 26.12 1.32
N CYS D 147 -5.94 26.66 1.18
CA CYS D 147 -5.29 27.31 2.35
C CYS D 147 -6.13 28.54 2.73
N HIS D 148 -6.52 29.36 1.75
CA HIS D 148 -7.31 30.60 2.01
C HIS D 148 -8.77 30.24 2.31
N VAL D 149 -9.22 29.06 1.86
CA VAL D 149 -10.60 28.69 2.31
C VAL D 149 -10.47 28.49 3.81
N LEU D 150 -9.44 27.76 4.22
CA LEU D 150 -9.19 27.53 5.66
C LEU D 150 -9.07 28.91 6.30
N CYS D 151 -8.38 29.83 5.61
CA CYS D 151 -8.16 31.21 6.11
C CYS D 151 -9.49 31.89 6.45
N THR D 152 -10.41 32.00 5.48
CA THR D 152 -11.72 32.65 5.71
C THR D 152 -12.36 31.95 6.90
N TRP D 153 -12.38 30.61 6.88
CA TRP D 153 -13.11 29.95 7.98
C TRP D 153 -12.52 30.36 9.33
N LEU D 154 -11.22 30.17 9.54
CA LEU D 154 -10.57 30.50 10.83
C LEU D 154 -10.93 31.93 11.25
N GLU D 155 -10.81 32.89 10.32
CA GLU D 155 -11.07 34.29 10.71
C GLU D 155 -12.52 34.41 11.19
N SER D 156 -13.48 34.06 10.32
CA SER D 156 -14.91 34.25 10.70
C SER D 156 -15.19 33.53 12.03
N CYS D 157 -14.50 32.41 12.29
CA CYS D 157 -14.72 31.60 13.51
C CYS D 157 -14.23 32.33 14.76
N LEU D 158 -12.94 32.64 14.84
CA LEU D 158 -12.42 33.27 16.09
C LEU D 158 -13.37 34.40 16.49
N LYS D 159 -14.24 34.82 15.56
CA LYS D 159 -15.23 35.88 15.88
C LYS D 159 -16.59 35.21 16.10
N SER D 160 -17.31 34.89 15.02
CA SER D 160 -18.67 34.31 15.15
C SER D 160 -19.38 34.94 16.36
N GLY D 163 -18.26 38.64 19.40
CA GLY D 163 -17.39 37.62 18.81
C GLY D 163 -16.26 37.23 19.75
N ARG D 164 -16.24 35.97 20.20
CA ARG D 164 -15.22 35.55 21.20
C ARG D 164 -13.95 35.08 20.46
N THR D 165 -13.00 35.99 20.25
CA THR D 165 -11.71 35.59 19.61
C THR D 165 -10.93 34.77 20.63
N GLU D 166 -11.52 33.70 21.14
CA GLU D 166 -10.85 32.91 22.21
C GLU D 166 -10.43 31.54 21.70
N SER D 167 -11.30 30.85 20.97
CA SER D 167 -10.90 29.46 20.67
C SER D 167 -11.36 28.94 19.32
N CYS D 168 -10.52 28.94 18.29
CA CYS D 168 -10.93 28.25 17.02
C CYS D 168 -9.82 27.28 16.63
N GLY D 169 -9.77 26.12 17.30
CA GLY D 169 -8.68 25.15 17.07
C GLY D 169 -8.82 24.37 15.77
N ILE D 170 -8.74 25.07 14.63
CA ILE D 170 -8.74 24.34 13.33
C ILE D 170 -7.27 24.17 12.93
N MET D 171 -6.66 23.06 13.33
CA MET D 171 -5.22 22.84 13.07
C MET D 171 -4.90 23.15 11.61
N TYR D 172 -3.90 23.99 11.37
CA TYR D 172 -3.50 24.33 9.97
C TYR D 172 -1.98 24.19 9.84
N THR D 173 -1.41 23.23 10.58
CA THR D 173 0.05 22.99 10.46
C THR D 173 0.42 22.91 8.99
N LYS D 174 1.49 23.61 8.57
CA LYS D 174 1.96 23.57 7.15
C LYS D 174 1.22 24.62 6.31
N CYS D 175 0.32 25.39 6.91
CA CYS D 175 -0.34 26.50 6.16
C CYS D 175 -0.90 27.52 7.14
N THR D 176 -0.05 28.33 7.78
CA THR D 176 -0.56 29.42 8.63
C THR D 176 -1.02 30.54 7.68
N CYS D 177 -2.06 31.30 8.03
CA CYS D 177 -2.61 32.30 7.07
C CYS D 177 -1.62 33.42 6.73
N PRO D 178 -1.47 33.81 5.45
CA PRO D 178 -0.59 34.92 5.11
C PRO D 178 -1.03 36.16 5.88
N GLN D 179 -2.29 36.19 6.35
CA GLN D 179 -2.81 37.41 7.03
C GLN D 179 -3.20 37.10 8.47
N HIS D 180 -2.74 37.93 9.41
CA HIS D 180 -3.15 37.78 10.85
C HIS D 180 -2.53 36.52 11.46
N LEU D 181 -1.65 35.83 10.73
CA LEU D 181 -1.09 34.55 11.25
C LEU D 181 0.44 34.54 11.15
N GLY D 182 1.13 34.28 12.25
CA GLY D 182 2.61 34.21 12.24
C GLY D 182 3.27 35.57 12.36
N GLY E 66 11.57 11.69 20.07
CA GLY E 66 11.52 12.66 18.96
C GLY E 66 10.19 12.62 18.23
N GLY E 67 9.90 13.63 17.41
CA GLY E 67 8.62 13.70 16.67
C GLY E 67 8.82 13.83 15.18
N ASP E 68 8.55 15.02 14.61
CA ASP E 68 8.78 15.26 13.15
C ASP E 68 7.82 14.40 12.33
N GLY E 69 8.30 13.80 11.25
CA GLY E 69 7.47 12.93 10.39
C GLY E 69 7.85 13.06 8.93
N THR E 70 8.20 11.95 8.27
CA THR E 70 8.49 12.02 6.81
C THR E 70 7.66 10.94 6.10
N SER E 71 6.67 11.33 5.29
CA SER E 71 5.85 10.41 4.53
C SER E 71 6.07 10.61 3.04
N MET E 72 5.78 9.56 2.29
CA MET E 72 5.97 9.52 0.85
C MET E 72 4.91 8.63 0.22
N TRP E 73 4.34 9.06 -0.89
CA TRP E 73 3.33 8.31 -1.61
C TRP E 73 3.78 8.12 -3.05
N ALA E 74 3.95 6.86 -3.45
CA ALA E 74 4.31 6.53 -4.82
C ALA E 74 3.12 5.91 -5.53
N ASP E 75 2.92 6.31 -6.78
CA ASP E 75 1.77 5.79 -7.54
C ASP E 75 2.26 5.25 -8.87
N LEU E 76 1.73 4.11 -9.27
CA LEU E 76 2.00 3.49 -10.56
C LEU E 76 0.68 3.43 -11.32
N CYS E 77 0.59 4.18 -12.41
CA CYS E 77 -0.67 4.41 -13.10
C CYS E 77 -0.56 4.05 -14.57
N LYS E 78 -1.61 3.41 -15.08
CA LYS E 78 -1.73 3.09 -16.51
C LYS E 78 -2.50 4.20 -17.20
N ASN E 79 -1.83 4.93 -18.09
CA ASN E 79 -2.40 6.03 -18.86
C ASN E 79 -2.88 7.19 -17.99
N GLY E 80 -2.61 7.15 -16.68
CA GLY E 80 -3.08 8.16 -15.75
C GLY E 80 -3.96 7.59 -14.65
N GLN E 81 -4.65 6.48 -14.93
CA GLN E 81 -5.52 5.85 -13.95
C GLN E 81 -4.69 4.98 -13.04
N VAL E 82 -4.81 5.18 -11.73
CA VAL E 82 -3.90 4.60 -10.76
C VAL E 82 -4.11 3.09 -10.67
N ARG E 83 -3.03 2.34 -10.78
CA ARG E 83 -3.06 0.89 -10.64
C ARG E 83 -2.43 0.38 -9.36
N ALA E 84 -1.47 1.12 -8.80
CA ALA E 84 -0.79 0.69 -7.59
C ALA E 84 -0.43 1.92 -6.77
N SER E 85 -0.51 1.79 -5.45
CA SER E 85 -0.15 2.87 -4.55
C SER E 85 0.66 2.32 -3.39
N ALA E 86 1.72 3.03 -3.03
CA ALA E 86 2.59 2.64 -1.93
C ALA E 86 2.81 3.82 -1.01
N ILE E 87 2.75 3.56 0.30
CA ILE E 87 2.91 4.57 1.33
C ILE E 87 4.12 4.23 2.18
N ALA E 88 4.99 5.21 2.42
CA ALA E 88 6.15 5.06 3.28
C ALA E 88 6.13 6.19 4.30
N GLN E 89 5.78 5.86 5.54
CA GLN E 89 5.67 6.82 6.61
C GLN E 89 6.61 6.39 7.73
N ASP E 90 7.54 7.26 8.10
CA ASP E 90 8.52 6.88 9.10
C ASP E 90 9.16 8.13 9.70
N ALA E 91 9.34 8.09 11.01
CA ALA E 91 10.11 9.07 11.78
C ALA E 91 11.20 8.32 12.52
N ASP E 92 12.43 8.86 12.52
CA ASP E 92 13.57 8.18 13.12
C ASP E 92 13.86 8.61 14.55
N GLN E 93 12.95 9.39 15.14
CA GLN E 93 13.07 9.79 16.58
C GLN E 93 14.50 10.22 16.92
N ASN E 94 14.97 11.33 16.38
CA ASN E 94 16.28 11.88 16.75
C ASN E 94 16.44 11.93 18.27
CA CA F . 9.24 -0.94 6.22
CA CA G . 9.20 1.25 10.03
CA CA H . -3.10 7.77 -4.46
#